data_3EZX
#
_entry.id   3EZX
#
_cell.length_a   67.970
_cell.length_b   77.710
_cell.length_c   100.360
_cell.angle_alpha   90.00
_cell.angle_beta   90.00
_cell.angle_gamma   90.00
#
_symmetry.space_group_name_H-M   'C 2 2 21'
#
loop_
_entity.id
_entity.type
_entity.pdbx_description
1 polymer 'Monomethylamine corrinoid protein 1'
2 non-polymer 5-HYDROXYBENZIMIDAZOLYLCOBAMIDE
3 non-polymer 'MAGNESIUM ION'
4 water water
#
_entity_poly.entity_id   1
_entity_poly.type   'polypeptide(L)'
_entity_poly.pdbx_seq_one_letter_code
;ANQEIFDKLRDAIVNQNVAGTPELCKEALAAGVPALDIITKGLSVGMKIVGDKFEAAEIFLPQIMMSGKAMSNAMEVLTP
ELEKNKKEGEEAGLAITFVAEGDIHDIGHRLVTTMLGANGFQIVDLGVDVLNENVVEEAAKHKGEKVLLVGSALMTTSML
GQKDLMDRLNEEKLRDSVKCMFGGAPVSDKWIEEIGADATAENAAEAAKVALEVM
;
_entity_poly.pdbx_strand_id   A
#
# COMPACT_ATOMS: atom_id res chain seq x y z
N ALA A 1 21.15 -14.54 5.57
CA ALA A 1 21.64 -15.08 4.27
C ALA A 1 20.94 -14.38 3.10
N ASN A 2 21.24 -14.83 1.88
CA ASN A 2 20.63 -14.30 0.67
C ASN A 2 21.00 -12.85 0.33
N GLN A 3 21.94 -12.26 1.06
CA GLN A 3 22.29 -10.87 0.81
C GLN A 3 22.59 -10.52 -0.64
N GLU A 4 23.21 -11.44 -1.37
CA GLU A 4 23.53 -11.16 -2.76
C GLU A 4 22.30 -10.89 -3.61
N ILE A 5 21.29 -11.76 -3.55
CA ILE A 5 20.10 -11.55 -4.34
C ILE A 5 19.29 -10.34 -3.87
N PHE A 6 19.48 -9.94 -2.63
CA PHE A 6 18.80 -8.77 -2.12
C PHE A 6 19.38 -7.52 -2.83
N ASP A 7 20.70 -7.44 -2.86
CA ASP A 7 21.40 -6.33 -3.51
C ASP A 7 21.01 -6.27 -4.99
N LYS A 8 20.92 -7.42 -5.64
CA LYS A 8 20.55 -7.48 -7.05
C LYS A 8 19.13 -6.92 -7.27
N LEU A 9 18.25 -7.26 -6.35
CA LEU A 9 16.87 -6.79 -6.41
C LEU A 9 16.89 -5.29 -6.15
N ARG A 10 17.62 -4.88 -5.12
CA ARG A 10 17.75 -3.48 -4.77
C ARG A 10 18.27 -2.69 -5.97
N ASP A 11 19.34 -3.18 -6.59
CA ASP A 11 19.95 -2.50 -7.73
C ASP A 11 19.09 -2.48 -8.99
N ALA A 12 18.28 -3.52 -9.19
CA ALA A 12 17.43 -3.58 -10.36
C ALA A 12 16.48 -2.39 -10.38
N ILE A 13 16.04 -1.99 -9.18
CA ILE A 13 15.15 -0.84 -9.04
C ILE A 13 15.94 0.45 -9.22
N VAL A 14 17.07 0.55 -8.52
CA VAL A 14 17.91 1.73 -8.61
C VAL A 14 18.36 2.01 -10.04
N ASN A 15 18.64 0.96 -10.80
CA ASN A 15 19.09 1.13 -12.19
C ASN A 15 18.01 0.96 -13.26
N GLN A 16 16.76 1.21 -12.90
CA GLN A 16 15.63 1.11 -13.82
C GLN A 16 15.67 -0.11 -14.74
N ASN A 17 15.93 -1.28 -14.17
CA ASN A 17 15.98 -2.51 -14.96
C ASN A 17 14.60 -3.17 -14.91
N VAL A 18 13.66 -2.60 -15.66
CA VAL A 18 12.29 -3.09 -15.72
C VAL A 18 12.16 -4.55 -16.13
N ALA A 19 12.79 -4.91 -17.24
CA ALA A 19 12.73 -6.28 -17.74
C ALA A 19 13.33 -7.30 -16.76
N GLY A 20 14.43 -6.93 -16.12
CA GLY A 20 15.10 -7.84 -15.21
C GLY A 20 14.48 -8.10 -13.85
N THR A 21 13.98 -7.06 -13.21
CA THR A 21 13.38 -7.20 -11.89
C THR A 21 12.52 -8.46 -11.72
N PRO A 22 11.68 -8.77 -12.71
CA PRO A 22 10.83 -9.97 -12.59
C PRO A 22 11.64 -11.26 -12.51
N GLU A 23 12.65 -11.37 -13.36
CA GLU A 23 13.51 -12.56 -13.40
C GLU A 23 14.17 -12.84 -12.07
N LEU A 24 14.65 -11.77 -11.42
CA LEU A 24 15.31 -11.88 -10.14
C LEU A 24 14.34 -12.27 -9.04
N CYS A 25 13.12 -11.78 -9.15
CA CYS A 25 12.11 -12.11 -8.16
C CYS A 25 11.86 -13.61 -8.21
N LYS A 26 11.93 -14.17 -9.41
CA LYS A 26 11.74 -15.60 -9.59
C LYS A 26 12.97 -16.34 -9.09
N GLU A 27 14.15 -15.79 -9.37
CA GLU A 27 15.40 -16.39 -8.95
C GLU A 27 15.46 -16.51 -7.43
N ALA A 28 15.15 -15.40 -6.76
CA ALA A 28 15.16 -15.37 -5.31
C ALA A 28 14.08 -16.28 -4.78
N LEU A 29 12.89 -16.18 -5.38
CA LEU A 29 11.74 -16.97 -4.99
C LEU A 29 12.06 -18.46 -5.07
N ALA A 30 12.63 -18.88 -6.19
CA ALA A 30 13.00 -20.28 -6.40
C ALA A 30 14.11 -20.70 -5.45
N ALA A 31 14.76 -19.72 -4.83
CA ALA A 31 15.85 -20.01 -3.88
C ALA A 31 15.27 -20.14 -2.47
N GLY A 32 13.98 -20.38 -2.40
CA GLY A 32 13.32 -20.53 -1.12
C GLY A 32 13.19 -19.25 -0.33
N VAL A 33 13.40 -18.10 -0.97
CA VAL A 33 13.27 -16.84 -0.26
C VAL A 33 11.83 -16.37 -0.26
N PRO A 34 11.30 -15.98 0.91
CA PRO A 34 9.92 -15.50 1.04
C PRO A 34 9.65 -14.17 0.36
N ALA A 35 8.62 -14.17 -0.49
CA ALA A 35 8.21 -12.99 -1.24
C ALA A 35 8.30 -11.67 -0.49
N LEU A 36 7.83 -11.65 0.75
CA LEU A 36 7.84 -10.42 1.53
C LEU A 36 9.26 -9.94 1.86
N ASP A 37 10.20 -10.88 1.98
CA ASP A 37 11.59 -10.50 2.26
C ASP A 37 12.19 -9.91 1.00
N ILE A 38 11.77 -10.43 -0.15
CA ILE A 38 12.23 -9.94 -1.43
C ILE A 38 11.85 -8.46 -1.55
N ILE A 39 10.65 -8.14 -1.05
CA ILE A 39 10.16 -6.77 -1.08
C ILE A 39 10.86 -5.87 -0.06
N THR A 40 10.71 -6.20 1.21
CA THR A 40 11.28 -5.38 2.28
C THR A 40 12.82 -5.34 2.35
N LYS A 41 13.49 -6.43 1.97
CA LYS A 41 14.95 -6.43 2.02
C LYS A 41 15.63 -6.18 0.68
N GLY A 42 14.83 -6.11 -0.39
CA GLY A 42 15.38 -5.88 -1.71
C GLY A 42 14.76 -4.75 -2.53
N LEU A 43 13.54 -4.98 -3.01
CA LEU A 43 12.83 -3.99 -3.81
C LEU A 43 12.61 -2.69 -3.05
N SER A 44 12.03 -2.79 -1.85
CA SER A 44 11.79 -1.60 -1.03
C SER A 44 13.08 -0.84 -0.73
N VAL A 45 14.16 -1.57 -0.43
CA VAL A 45 15.45 -0.94 -0.14
C VAL A 45 15.86 -0.08 -1.32
N GLY A 46 15.71 -0.64 -2.52
CA GLY A 46 16.06 0.07 -3.74
C GLY A 46 15.13 1.24 -3.99
N MET A 47 13.83 1.06 -3.79
CA MET A 47 12.88 2.15 -4.02
C MET A 47 13.20 3.36 -3.13
N LYS A 48 13.70 3.07 -1.92
CA LYS A 48 14.07 4.13 -0.99
C LYS A 48 15.26 4.92 -1.53
N ILE A 49 16.28 4.20 -1.99
CA ILE A 49 17.47 4.85 -2.54
C ILE A 49 17.10 5.71 -3.75
N VAL A 50 16.24 5.18 -4.60
CA VAL A 50 15.78 5.89 -5.80
C VAL A 50 14.98 7.11 -5.38
N GLY A 51 14.34 7.02 -4.22
CA GLY A 51 13.57 8.13 -3.71
C GLY A 51 14.49 9.26 -3.29
N ASP A 52 15.57 8.90 -2.58
CA ASP A 52 16.54 9.88 -2.11
C ASP A 52 17.24 10.53 -3.31
N LYS A 53 17.72 9.71 -4.24
CA LYS A 53 18.38 10.22 -5.43
C LYS A 53 17.56 11.31 -6.12
N PHE A 54 16.25 11.07 -6.22
CA PHE A 54 15.34 12.02 -6.86
C PHE A 54 15.24 13.29 -6.03
N GLU A 55 15.03 13.13 -4.72
CA GLU A 55 14.92 14.29 -3.85
C GLU A 55 16.20 15.10 -3.79
N ALA A 56 17.29 14.52 -4.28
CA ALA A 56 18.59 15.20 -4.30
C ALA A 56 18.91 15.70 -5.71
N ALA A 57 17.91 15.62 -6.59
CA ALA A 57 18.05 16.04 -7.98
C ALA A 57 19.16 15.33 -8.76
N GLU A 58 19.43 14.08 -8.39
CA GLU A 58 20.45 13.29 -9.08
C GLU A 58 19.86 12.57 -10.28
N ILE A 59 18.62 12.10 -10.12
CA ILE A 59 17.89 11.42 -11.18
C ILE A 59 16.56 12.17 -11.33
N PHE A 60 15.76 11.81 -12.34
CA PHE A 60 14.52 12.53 -12.53
C PHE A 60 13.31 11.67 -12.85
N LEU A 61 12.29 12.29 -13.44
CA LEU A 61 11.09 11.54 -13.75
C LEU A 61 11.18 10.39 -14.72
N PRO A 62 12.12 10.44 -15.68
CA PRO A 62 12.16 9.28 -16.58
C PRO A 62 12.65 8.06 -15.82
N GLN A 63 13.57 8.28 -14.88
CA GLN A 63 14.15 7.23 -14.07
C GLN A 63 13.16 6.68 -13.03
N ILE A 64 12.36 7.57 -12.46
CA ILE A 64 11.38 7.18 -11.46
C ILE A 64 10.25 6.37 -12.09
N MET A 65 9.88 6.72 -13.32
CA MET A 65 8.82 6.00 -14.00
C MET A 65 9.24 4.57 -14.23
N MET A 66 10.46 4.38 -14.72
CA MET A 66 10.98 3.06 -14.97
C MET A 66 11.20 2.25 -13.69
N SER A 67 11.56 2.92 -12.61
CA SER A 67 11.75 2.22 -11.35
C SER A 67 10.38 1.82 -10.84
N GLY A 68 9.38 2.64 -11.12
CA GLY A 68 8.03 2.34 -10.70
C GLY A 68 7.50 1.14 -11.45
N LYS A 69 7.70 1.13 -12.76
CA LYS A 69 7.26 0.02 -13.59
C LYS A 69 8.05 -1.22 -13.22
N ALA A 70 9.32 -1.02 -12.83
CA ALA A 70 10.17 -2.13 -12.45
C ALA A 70 9.58 -2.85 -11.24
N MET A 71 9.06 -2.08 -10.28
CA MET A 71 8.49 -2.68 -9.09
C MET A 71 7.08 -3.23 -9.33
N SER A 72 6.34 -2.62 -10.24
CA SER A 72 4.99 -3.11 -10.53
C SER A 72 5.10 -4.49 -11.19
N ASN A 73 6.09 -4.65 -12.06
CA ASN A 73 6.30 -5.91 -12.73
C ASN A 73 6.73 -6.96 -11.71
N ALA A 74 7.49 -6.53 -10.71
CA ALA A 74 7.97 -7.43 -9.66
C ALA A 74 6.78 -7.92 -8.85
N MET A 75 5.83 -7.03 -8.63
CA MET A 75 4.63 -7.34 -7.85
C MET A 75 3.72 -8.35 -8.54
N GLU A 76 3.76 -8.38 -9.86
CA GLU A 76 2.94 -9.33 -10.61
C GLU A 76 3.43 -10.74 -10.34
N VAL A 77 4.72 -10.86 -10.02
CA VAL A 77 5.29 -12.17 -9.74
C VAL A 77 5.15 -12.55 -8.27
N LEU A 78 5.19 -11.57 -7.39
CA LEU A 78 5.08 -11.84 -5.95
C LEU A 78 3.65 -11.85 -5.39
N THR A 79 2.76 -11.02 -5.94
CA THR A 79 1.38 -10.96 -5.46
C THR A 79 0.76 -12.35 -5.32
N PRO A 80 0.79 -13.14 -6.40
CA PRO A 80 0.20 -14.48 -6.30
C PRO A 80 0.89 -15.29 -5.21
N GLU A 81 2.20 -15.09 -5.05
CA GLU A 81 2.95 -15.80 -4.03
C GLU A 81 2.47 -15.37 -2.64
N LEU A 82 2.07 -14.11 -2.53
CA LEU A 82 1.61 -13.54 -1.27
C LEU A 82 0.17 -13.96 -0.95
N GLU A 83 -0.63 -14.17 -1.99
CA GLU A 83 -2.02 -14.55 -1.79
C GLU A 83 -2.17 -15.99 -1.31
N LYS A 84 -1.05 -16.69 -1.19
CA LYS A 84 -1.07 -18.06 -0.70
C LYS A 84 -1.23 -17.99 0.80
N ASN A 85 -1.65 -19.09 1.42
CA ASN A 85 -1.84 -19.12 2.87
C ASN A 85 -2.97 -18.16 3.26
N LYS A 86 -4.05 -18.17 2.48
CA LYS A 86 -5.20 -17.33 2.77
C LYS A 86 -5.79 -17.68 4.13
N LYS A 87 -5.07 -17.32 5.19
CA LYS A 87 -5.48 -17.60 6.56
C LYS A 87 -6.87 -17.03 6.84
N GLU A 91 -12.95 -14.60 7.81
CA GLU A 91 -13.17 -13.24 7.36
C GLU A 91 -13.28 -12.27 8.53
N ALA A 92 -12.13 -11.74 8.95
CA ALA A 92 -12.09 -10.80 10.07
C ALA A 92 -12.82 -9.51 9.73
N GLY A 93 -13.43 -9.46 8.55
CA GLY A 93 -14.15 -8.28 8.14
C GLY A 93 -13.98 -7.89 6.69
N LEU A 94 -14.59 -6.77 6.32
CA LEU A 94 -14.52 -6.27 4.95
C LEU A 94 -13.63 -5.03 4.87
N ALA A 95 -12.63 -5.08 4.00
CA ALA A 95 -11.73 -3.95 3.83
C ALA A 95 -12.00 -3.27 2.50
N ILE A 96 -12.26 -1.97 2.56
CA ILE A 96 -12.50 -1.16 1.37
C ILE A 96 -11.24 -0.34 1.18
N THR A 97 -10.43 -0.72 0.19
CA THR A 97 -9.16 -0.06 -0.09
C THR A 97 -9.18 0.96 -1.22
N PHE A 98 -8.42 2.05 -1.04
CA PHE A 98 -8.43 3.09 -2.06
C PHE A 98 -7.23 4.03 -1.92
N VAL A 99 -6.95 4.77 -2.99
CA VAL A 99 -5.88 5.74 -3.00
C VAL A 99 -6.61 7.09 -3.15
N ALA A 100 -6.22 8.08 -2.35
CA ALA A 100 -6.85 9.40 -2.38
C ALA A 100 -7.04 10.01 -3.77
N GLU A 101 -7.98 10.95 -3.85
CA GLU A 101 -8.29 11.62 -5.11
C GLU A 101 -7.09 12.34 -5.69
N GLY A 102 -6.90 12.19 -7.00
CA GLY A 102 -5.79 12.85 -7.67
C GLY A 102 -4.46 12.12 -7.52
N ASP A 103 -4.48 11.03 -6.77
CA ASP A 103 -3.27 10.24 -6.53
C ASP A 103 -3.34 8.94 -7.34
N ILE A 104 -2.25 8.57 -8.00
CA ILE A 104 -2.26 7.33 -8.76
C ILE A 104 -1.20 6.34 -8.32
N HIS A 105 -0.47 6.70 -7.25
CA HIS A 105 0.53 5.82 -6.71
C HIS A 105 -0.25 4.63 -6.19
N ASP A 106 0.01 3.44 -6.72
CA ASP A 106 -0.73 2.27 -6.28
C ASP A 106 0.11 1.09 -5.81
N ILE A 107 1.43 1.15 -5.98
CA ILE A 107 2.28 0.04 -5.55
C ILE A 107 2.06 -0.30 -4.07
N GLY A 108 2.16 0.69 -3.21
CA GLY A 108 1.95 0.47 -1.78
C GLY A 108 0.52 0.10 -1.49
N HIS A 109 -0.40 0.75 -2.20
CA HIS A 109 -1.83 0.49 -2.03
C HIS A 109 -2.10 -0.97 -2.39
N ARG A 110 -1.60 -1.42 -3.54
CA ARG A 110 -1.80 -2.80 -3.98
C ARG A 110 -1.17 -3.82 -3.04
N LEU A 111 -0.04 -3.46 -2.44
CA LEU A 111 0.64 -4.34 -1.52
C LEU A 111 -0.16 -4.55 -0.24
N VAL A 112 -0.65 -3.46 0.34
CA VAL A 112 -1.43 -3.55 1.56
C VAL A 112 -2.72 -4.34 1.31
N THR A 113 -3.40 -4.04 0.21
CA THR A 113 -4.67 -4.70 -0.18
C THR A 113 -4.44 -6.20 -0.33
N THR A 114 -3.25 -6.57 -0.81
CA THR A 114 -2.95 -7.98 -1.00
C THR A 114 -2.79 -8.63 0.36
N MET A 115 -2.03 -7.99 1.25
CA MET A 115 -1.82 -8.55 2.57
C MET A 115 -3.18 -8.70 3.25
N LEU A 116 -3.93 -7.61 3.32
CA LEU A 116 -5.26 -7.70 3.89
C LEU A 116 -5.90 -8.69 2.92
N GLY A 117 -6.73 -9.58 3.43
CA GLY A 117 -7.34 -10.55 2.54
C GLY A 117 -6.54 -11.82 2.66
N ALA A 118 -5.22 -11.68 2.57
CA ALA A 118 -4.33 -12.83 2.71
C ALA A 118 -4.33 -13.12 4.20
N ASN A 119 -4.78 -12.13 4.98
CA ASN A 119 -4.86 -12.26 6.42
C ASN A 119 -6.32 -12.27 6.91
N GLY A 120 -7.15 -13.00 6.18
CA GLY A 120 -8.55 -13.13 6.54
C GLY A 120 -9.46 -11.94 6.32
N PHE A 121 -9.31 -11.26 5.19
CA PHE A 121 -10.17 -10.11 4.89
C PHE A 121 -10.78 -10.23 3.52
N GLN A 122 -12.02 -9.76 3.38
CA GLN A 122 -12.67 -9.77 2.09
C GLN A 122 -12.27 -8.42 1.51
N ILE A 123 -11.90 -8.41 0.25
CA ILE A 123 -11.45 -7.18 -0.37
C ILE A 123 -12.42 -6.45 -1.29
N VAL A 124 -12.35 -5.12 -1.22
CA VAL A 124 -13.15 -4.22 -2.05
C VAL A 124 -12.16 -3.12 -2.45
N ASP A 125 -11.47 -3.35 -3.57
CA ASP A 125 -10.45 -2.43 -4.09
C ASP A 125 -11.07 -1.38 -5.02
N LEU A 126 -11.19 -0.15 -4.54
CA LEU A 126 -11.77 0.93 -5.36
C LEU A 126 -10.85 1.49 -6.44
N GLY A 127 -9.56 1.12 -6.40
CA GLY A 127 -8.62 1.61 -7.39
C GLY A 127 -7.91 2.87 -6.89
N VAL A 128 -7.55 3.76 -7.81
CA VAL A 128 -6.86 5.01 -7.46
C VAL A 128 -7.69 6.23 -7.86
N ASP A 129 -7.30 7.40 -7.38
CA ASP A 129 -7.99 8.63 -7.72
C ASP A 129 -9.48 8.53 -7.37
N VAL A 130 -9.76 7.88 -6.24
CA VAL A 130 -11.12 7.67 -5.77
C VAL A 130 -11.67 8.89 -5.04
N LEU A 131 -12.86 9.35 -5.44
CA LEU A 131 -13.51 10.50 -4.81
C LEU A 131 -13.89 10.12 -3.38
N ASN A 132 -13.87 11.09 -2.47
CA ASN A 132 -14.23 10.80 -1.09
C ASN A 132 -15.67 10.33 -0.97
N GLU A 133 -16.54 10.83 -1.83
CA GLU A 133 -17.95 10.45 -1.79
C GLU A 133 -18.18 9.01 -2.24
N ASN A 134 -17.37 8.51 -3.18
CA ASN A 134 -17.52 7.15 -3.64
C ASN A 134 -17.07 6.17 -2.55
N VAL A 135 -16.19 6.64 -1.65
CA VAL A 135 -15.72 5.81 -0.55
C VAL A 135 -16.85 5.80 0.47
N VAL A 136 -17.47 6.96 0.65
CA VAL A 136 -18.58 7.11 1.57
C VAL A 136 -19.77 6.30 1.07
N GLU A 137 -19.98 6.32 -0.24
CA GLU A 137 -21.09 5.57 -0.83
C GLU A 137 -20.86 4.08 -0.64
N GLU A 138 -19.60 3.66 -0.74
CA GLU A 138 -19.25 2.25 -0.60
C GLU A 138 -19.46 1.83 0.85
N ALA A 139 -19.08 2.71 1.78
CA ALA A 139 -19.23 2.43 3.21
C ALA A 139 -20.70 2.34 3.61
N ALA A 140 -21.54 3.14 2.95
CA ALA A 140 -22.97 3.17 3.22
C ALA A 140 -23.63 1.86 2.84
N LYS A 141 -23.27 1.32 1.68
CA LYS A 141 -23.82 0.06 1.19
C LYS A 141 -23.52 -1.05 2.19
N HIS A 142 -22.48 -0.87 2.98
CA HIS A 142 -22.07 -1.88 3.96
C HIS A 142 -22.25 -1.41 5.40
N LYS A 143 -23.18 -0.49 5.61
CA LYS A 143 -23.43 0.03 6.95
C LYS A 143 -23.94 -1.07 7.88
N GLY A 144 -23.37 -1.11 9.08
CA GLY A 144 -23.79 -2.10 10.06
C GLY A 144 -22.91 -3.32 10.17
N GLU A 145 -22.16 -3.63 9.11
CA GLU A 145 -21.29 -4.79 9.16
C GLU A 145 -19.85 -4.43 9.54
N LYS A 146 -18.98 -5.43 9.57
CA LYS A 146 -17.59 -5.23 9.93
C LYS A 146 -16.87 -4.57 8.76
N VAL A 147 -16.60 -3.28 8.87
CA VAL A 147 -15.94 -2.55 7.78
C VAL A 147 -14.71 -1.75 8.18
N LEU A 148 -13.66 -1.89 7.38
CA LEU A 148 -12.39 -1.19 7.58
C LEU A 148 -12.06 -0.38 6.33
N LEU A 149 -11.87 0.93 6.51
CA LEU A 149 -11.54 1.80 5.40
C LEU A 149 -10.03 1.99 5.35
N VAL A 150 -9.39 1.37 4.35
CA VAL A 150 -7.94 1.46 4.17
C VAL A 150 -7.61 2.47 3.06
N GLY A 151 -7.08 3.62 3.43
CA GLY A 151 -6.76 4.64 2.44
C GLY A 151 -5.28 4.96 2.22
N SER A 152 -4.92 5.24 0.97
CA SER A 152 -3.55 5.58 0.63
C SER A 152 -3.42 6.98 0.08
N ALA A 153 -2.23 7.54 0.20
CA ALA A 153 -1.92 8.87 -0.29
C ALA A 153 -0.41 9.07 -0.16
N LEU A 154 0.27 9.23 -1.28
CA LEU A 154 1.72 9.42 -1.26
C LEU A 154 2.10 10.87 -1.52
N MET A 155 1.08 11.71 -1.66
CA MET A 155 1.31 13.13 -1.88
C MET A 155 0.54 13.92 -0.85
N THR A 156 1.20 14.90 -0.24
CA THR A 156 0.58 15.75 0.76
C THR A 156 -0.71 16.37 0.26
N THR A 157 -0.68 16.87 -0.97
CA THR A 157 -1.84 17.49 -1.59
C THR A 157 -3.06 16.57 -1.58
N SER A 158 -2.83 15.28 -1.82
CA SER A 158 -3.91 14.30 -1.84
C SER A 158 -4.23 13.78 -0.44
N MET A 159 -3.23 13.81 0.44
CA MET A 159 -3.40 13.35 1.81
C MET A 159 -4.32 14.26 2.61
N LEU A 160 -4.32 15.55 2.27
CA LEU A 160 -5.16 16.51 2.96
C LEU A 160 -6.64 16.19 2.79
N GLY A 161 -6.98 15.63 1.64
CA GLY A 161 -8.36 15.26 1.38
C GLY A 161 -8.90 14.17 2.28
N GLN A 162 -8.01 13.53 3.05
CA GLN A 162 -8.44 12.46 3.94
C GLN A 162 -9.23 13.09 5.08
N LYS A 163 -8.91 14.34 5.38
CA LYS A 163 -9.62 15.05 6.44
C LYS A 163 -11.07 15.13 6.01
N ASP A 164 -11.28 15.70 4.83
CA ASP A 164 -12.62 15.84 4.27
C ASP A 164 -13.37 14.52 4.34
N LEU A 165 -12.71 13.44 3.94
CA LEU A 165 -13.34 12.12 3.98
C LEU A 165 -13.89 11.86 5.38
N MET A 166 -13.02 11.93 6.39
CA MET A 166 -13.46 11.70 7.77
C MET A 166 -14.61 12.63 8.12
N ASP A 167 -14.51 13.90 7.70
CA ASP A 167 -15.57 14.85 8.00
C ASP A 167 -16.88 14.46 7.31
N ARG A 168 -16.79 13.89 6.12
CA ARG A 168 -17.99 13.49 5.38
C ARG A 168 -18.61 12.21 5.95
N LEU A 169 -17.81 11.40 6.60
CA LEU A 169 -18.32 10.16 7.18
C LEU A 169 -19.18 10.50 8.39
N ASN A 170 -18.85 11.60 9.05
CA ASN A 170 -19.60 12.06 10.23
C ASN A 170 -20.87 12.78 9.81
N GLU A 171 -20.76 13.65 8.81
CA GLU A 171 -21.92 14.38 8.31
C GLU A 171 -23.01 13.38 7.91
N GLU A 172 -22.58 12.17 7.58
CA GLU A 172 -23.49 11.11 7.17
C GLU A 172 -23.63 10.10 8.29
N LYS A 173 -23.27 10.53 9.51
CA LYS A 173 -23.35 9.68 10.69
C LYS A 173 -23.14 8.22 10.29
N LEU A 174 -21.96 7.93 9.76
CA LEU A 174 -21.60 6.60 9.30
C LEU A 174 -20.29 6.17 9.97
N ARG A 175 -19.57 7.17 10.48
CA ARG A 175 -18.28 6.98 11.15
C ARG A 175 -18.18 5.83 12.14
N ASP A 176 -18.67 6.07 13.35
CA ASP A 176 -18.62 5.10 14.44
C ASP A 176 -18.93 3.64 14.10
N SER A 177 -19.53 3.40 12.93
CA SER A 177 -19.85 2.03 12.53
C SER A 177 -18.71 1.39 11.74
N VAL A 178 -17.71 2.19 11.37
CA VAL A 178 -16.55 1.69 10.62
C VAL A 178 -15.22 2.17 11.20
N LYS A 179 -14.19 1.36 11.01
CA LYS A 179 -12.84 1.68 11.48
C LYS A 179 -12.05 2.26 10.31
N CYS A 180 -11.27 3.31 10.55
CA CYS A 180 -10.49 3.96 9.49
C CYS A 180 -8.98 3.94 9.67
N MET A 181 -8.28 3.39 8.67
CA MET A 181 -6.83 3.33 8.69
C MET A 181 -6.27 3.97 7.42
N PHE A 182 -5.50 5.04 7.59
CA PHE A 182 -4.88 5.73 6.46
C PHE A 182 -3.37 5.48 6.46
N GLY A 183 -2.75 5.53 5.29
CA GLY A 183 -1.32 5.32 5.18
C GLY A 183 -0.72 6.01 3.98
N GLY A 184 0.55 5.72 3.68
CA GLY A 184 1.17 6.35 2.53
C GLY A 184 2.63 6.73 2.71
N ALA A 185 2.88 7.66 3.62
CA ALA A 185 4.21 8.16 3.93
C ALA A 185 4.01 9.58 4.42
N PRO A 186 3.28 10.40 3.66
CA PRO A 186 3.07 11.77 4.13
C PRO A 186 2.15 11.73 5.34
N VAL A 187 1.59 10.55 5.62
CA VAL A 187 0.70 10.36 6.75
C VAL A 187 1.50 10.09 8.01
N SER A 188 1.31 10.96 9.00
CA SER A 188 2.02 10.85 10.27
C SER A 188 1.06 10.45 11.40
N ASP A 189 1.62 9.95 12.50
CA ASP A 189 0.81 9.55 13.64
C ASP A 189 0.09 10.77 14.21
N LYS A 190 0.57 11.95 13.81
CA LYS A 190 -0.01 13.21 14.25
C LYS A 190 -1.28 13.46 13.46
N TRP A 191 -1.15 13.48 12.14
CA TRP A 191 -2.26 13.72 11.23
C TRP A 191 -3.44 12.77 11.45
N ILE A 192 -3.15 11.55 11.89
CA ILE A 192 -4.20 10.56 12.12
C ILE A 192 -5.24 11.03 13.15
N GLU A 193 -4.78 11.66 14.22
CA GLU A 193 -5.68 12.14 15.25
C GLU A 193 -6.22 13.52 14.92
N GLU A 194 -5.43 14.30 14.20
CA GLU A 194 -5.86 15.65 13.82
C GLU A 194 -7.19 15.53 13.12
N ILE A 195 -7.32 14.54 12.25
CA ILE A 195 -8.56 14.31 11.53
C ILE A 195 -9.52 13.49 12.38
N GLY A 196 -9.07 12.33 12.84
CA GLY A 196 -9.91 11.48 13.66
C GLY A 196 -9.91 10.02 13.27
N ALA A 197 -8.82 9.57 12.66
CA ALA A 197 -8.69 8.18 12.22
C ALA A 197 -8.41 7.22 13.37
N ASP A 198 -8.37 5.92 13.05
CA ASP A 198 -8.15 4.90 14.06
C ASP A 198 -6.73 4.31 14.03
N ALA A 199 -6.00 4.51 12.94
CA ALA A 199 -4.65 3.98 12.86
C ALA A 199 -3.83 4.37 11.63
N THR A 200 -2.86 3.52 11.32
CA THR A 200 -1.94 3.65 10.20
C THR A 200 -0.83 2.61 10.36
N ALA A 201 -0.11 2.36 9.29
CA ALA A 201 0.99 1.41 9.30
C ALA A 201 2.12 1.98 8.47
N GLU A 202 3.28 1.32 8.50
CA GLU A 202 4.42 1.79 7.74
C GLU A 202 4.78 0.83 6.62
N ASN A 203 4.17 -0.36 6.65
CA ASN A 203 4.40 -1.36 5.62
C ASN A 203 3.28 -2.37 5.57
N ALA A 204 3.25 -3.17 4.51
CA ALA A 204 2.21 -4.18 4.32
C ALA A 204 2.07 -5.03 5.57
N ALA A 205 3.19 -5.56 6.03
CA ALA A 205 3.21 -6.43 7.20
C ALA A 205 2.46 -5.86 8.40
N GLU A 206 2.94 -4.72 8.91
CA GLU A 206 2.33 -4.08 10.06
C GLU A 206 0.87 -3.72 9.76
N ALA A 207 0.61 -3.28 8.54
CA ALA A 207 -0.72 -2.92 8.12
C ALA A 207 -1.67 -4.05 8.45
N ALA A 208 -1.29 -5.27 8.08
CA ALA A 208 -2.09 -6.44 8.33
C ALA A 208 -2.34 -6.63 9.82
N LYS A 209 -1.27 -6.56 10.61
CA LYS A 209 -1.40 -6.71 12.06
C LYS A 209 -2.35 -5.67 12.62
N VAL A 210 -2.06 -4.40 12.36
CA VAL A 210 -2.91 -3.32 12.85
C VAL A 210 -4.35 -3.53 12.43
N ALA A 211 -4.57 -3.94 11.18
CA ALA A 211 -5.91 -4.17 10.69
C ALA A 211 -6.65 -5.15 11.59
N LEU A 212 -5.97 -6.23 11.96
CA LEU A 212 -6.56 -7.25 12.83
C LEU A 212 -6.83 -6.71 14.23
N GLU A 213 -5.80 -6.15 14.86
CA GLU A 213 -5.93 -5.61 16.21
C GLU A 213 -7.10 -4.63 16.32
N VAL A 214 -7.22 -3.74 15.34
CA VAL A 214 -8.31 -2.76 15.36
C VAL A 214 -9.65 -3.48 15.22
N MET A 215 -9.61 -4.81 15.34
CA MET A 215 -10.79 -5.66 15.24
C MET A 215 -11.54 -5.41 13.94
#